data_8OZV
#
_entry.id   8OZV
#
_cell.length_a   74.000
_cell.length_b   74.000
_cell.length_c   112.077
_cell.angle_alpha   90.00
_cell.angle_beta   90.00
_cell.angle_gamma   120.00
#
_symmetry.space_group_name_H-M   'P 31 2 1'
#
loop_
_entity.id
_entity.type
_entity.pdbx_description
1 polymer Oxidoreductase
2 non-polymer 'NADPH DIHYDRO-NICOTINAMIDE-ADENINE-DINUCLEOTIDE PHOSPHATE'
3 non-polymer 2,2-bis(fluoranyl)-1-phenyl-ethanone
4 water water
#
_entity_poly.entity_id   1
_entity_poly.type   'polypeptide(L)'
_entity_poly.pdbx_seq_one_letter_code
;MANSPVSVFGLGAMGTALATQFLRKGHKTTVWNRTPAKAQPLIAIGASHAPTIDSAAAASSLLIICQLDKASVMQTLQQA
PTAWAAKTIVDLTNGTPAHARETADWALAHGARYIHGGIMAVPFMIGQPDAMILYSGPAEVFEGVKDTLSVLGTNTYVGE
DVGLASLHDLALLSGMYGLFSGFTHAVALVQSANIPAAGFVATQLIPWLTAMTQHLNLLATQVDEKDYGDGGSSLDMQAK
AAPNILEASQAQGVSVELIQPIFKLIERRVEEGKGSEGLAALVGMIMK
;
_entity_poly.pdbx_strand_id   A
#
loop_
_chem_comp.id
_chem_comp.type
_chem_comp.name
_chem_comp.formula
NDP non-polymer 'NADPH DIHYDRO-NICOTINAMIDE-ADENINE-DINUCLEOTIDE PHOSPHATE' 'C21 H30 N7 O17 P3'
W65 non-polymer 2,2-bis(fluoranyl)-1-phenyl-ethanone 'C8 H6 F2 O'
#
# COMPACT_ATOMS: atom_id res chain seq x y z
N ASN A 3 1.82 28.10 2.55
CA ASN A 3 1.49 26.99 1.62
C ASN A 3 2.61 26.94 0.58
N SER A 4 3.54 26.06 0.83
CA SER A 4 4.73 26.01 -0.03
C SER A 4 4.37 25.41 -1.40
N PRO A 5 5.03 25.87 -2.48
CA PRO A 5 4.82 25.26 -3.79
C PRO A 5 5.19 23.76 -3.74
N VAL A 6 4.41 22.98 -4.48
CA VAL A 6 4.64 21.55 -4.62
CA VAL A 6 4.71 21.56 -4.64
C VAL A 6 4.60 21.20 -6.10
N SER A 7 5.42 20.24 -6.52
CA SER A 7 5.35 19.65 -7.84
C SER A 7 4.97 18.18 -7.70
N VAL A 8 4.10 17.69 -8.60
CA VAL A 8 3.70 16.31 -8.67
C VAL A 8 4.07 15.78 -10.06
N PHE A 9 4.85 14.69 -10.06
CA PHE A 9 5.25 13.94 -11.26
C PHE A 9 4.47 12.65 -11.29
N GLY A 10 3.66 12.45 -12.30
CA GLY A 10 2.76 11.31 -12.35
C GLY A 10 1.34 11.75 -12.04
N LEU A 11 0.50 11.82 -13.08
CA LEU A 11 -0.87 12.27 -12.97
C LEU A 11 -1.85 11.19 -13.34
N GLY A 12 -1.56 9.97 -12.90
CA GLY A 12 -2.53 8.88 -12.95
C GLY A 12 -3.62 9.09 -11.92
N ALA A 13 -4.32 8.01 -11.58
CA ALA A 13 -5.42 8.13 -10.62
C ALA A 13 -4.93 8.69 -9.30
N MET A 14 -3.81 8.18 -8.80
CA MET A 14 -3.35 8.61 -7.51
C MET A 14 -2.67 9.99 -7.58
N GLY A 15 -1.76 10.22 -8.53
CA GLY A 15 -1.14 11.53 -8.61
C GLY A 15 -2.16 12.63 -8.80
N THR A 16 -3.24 12.38 -9.54
CA THR A 16 -4.32 13.36 -9.70
C THR A 16 -4.95 13.65 -8.36
N ALA A 17 -5.21 12.63 -7.54
CA ALA A 17 -5.78 12.84 -6.24
C ALA A 17 -4.83 13.66 -5.37
N LEU A 18 -3.52 13.40 -5.40
CA LEU A 18 -2.58 14.12 -4.58
C LEU A 18 -2.58 15.60 -5.01
N ALA A 19 -2.45 15.85 -6.33
CA ALA A 19 -2.39 17.24 -6.82
C ALA A 19 -3.67 17.99 -6.48
N THR A 20 -4.79 17.32 -6.60
CA THR A 20 -6.07 17.96 -6.28
C THR A 20 -6.12 18.40 -4.83
N GLN A 21 -5.62 17.57 -3.92
CA GLN A 21 -5.64 17.90 -2.51
C GLN A 21 -4.70 19.05 -2.23
N PHE A 22 -3.52 19.12 -2.85
CA PHE A 22 -2.64 20.27 -2.69
C PHE A 22 -3.37 21.54 -3.13
N LEU A 23 -4.10 21.44 -4.25
CA LEU A 23 -4.83 22.61 -4.76
C LEU A 23 -5.88 23.05 -3.74
N ARG A 24 -6.63 22.12 -3.17
CA ARG A 24 -7.67 22.49 -2.21
C ARG A 24 -7.03 23.18 -1.01
N LYS A 25 -5.81 22.85 -0.69
CA LYS A 25 -5.16 23.40 0.54
C LYS A 25 -4.33 24.65 0.21
N GLY A 26 -4.51 25.21 -0.98
CA GLY A 26 -3.89 26.52 -1.30
C GLY A 26 -2.45 26.50 -1.74
N HIS A 27 -1.95 25.32 -2.12
CA HIS A 27 -0.57 25.26 -2.62
C HIS A 27 -0.50 25.51 -4.12
N LYS A 28 0.49 26.29 -4.54
CA LYS A 28 0.82 26.39 -5.96
C LYS A 28 1.30 25.01 -6.38
N THR A 29 0.52 24.34 -7.22
CA THR A 29 0.70 22.94 -7.52
C THR A 29 1.11 22.81 -8.99
N THR A 30 2.36 22.47 -9.21
CA THR A 30 2.92 22.27 -10.54
C THR A 30 2.83 20.79 -10.86
N VAL A 31 2.37 20.46 -12.07
CA VAL A 31 2.13 19.07 -12.43
C VAL A 31 2.87 18.71 -13.70
N TRP A 32 3.32 17.45 -13.78
CA TRP A 32 3.98 16.88 -14.95
C TRP A 32 3.53 15.45 -15.13
N ASN A 33 3.32 15.03 -16.36
CA ASN A 33 3.02 13.65 -16.72
C ASN A 33 3.72 13.29 -18.03
N ARG A 34 4.23 12.08 -18.09
CA ARG A 34 4.83 11.59 -19.34
C ARG A 34 3.89 11.86 -20.52
N THR A 35 2.61 11.47 -20.39
CA THR A 35 1.63 11.73 -21.42
C THR A 35 0.94 13.06 -21.09
N PRO A 36 1.21 14.16 -21.81
CA PRO A 36 0.79 15.47 -21.31
C PRO A 36 -0.71 15.65 -21.24
N ALA A 37 -1.52 14.95 -22.06
CA ALA A 37 -2.96 15.20 -22.06
C ALA A 37 -3.57 14.98 -20.70
N LYS A 38 -2.97 14.14 -19.86
CA LYS A 38 -3.51 13.78 -18.59
C LYS A 38 -3.52 14.99 -17.62
N ALA A 39 -2.76 16.05 -17.96
CA ALA A 39 -2.75 17.27 -17.12
C ALA A 39 -4.05 18.09 -17.24
N GLN A 40 -4.81 17.88 -18.30
CA GLN A 40 -5.87 18.83 -18.59
C GLN A 40 -6.85 18.95 -17.45
N PRO A 41 -7.35 17.89 -16.82
CA PRO A 41 -8.31 18.03 -15.73
C PRO A 41 -7.76 18.87 -14.59
N LEU A 42 -6.47 18.74 -14.31
CA LEU A 42 -5.85 19.47 -13.20
C LEU A 42 -5.59 20.94 -13.56
N ILE A 43 -5.24 21.23 -14.82
CA ILE A 43 -5.13 22.61 -15.27
C ILE A 43 -6.45 23.32 -15.02
N ALA A 44 -7.56 22.64 -15.28
CA ALA A 44 -8.87 23.26 -15.23
C ALA A 44 -9.20 23.70 -13.81
N ILE A 45 -8.60 23.12 -12.79
CA ILE A 45 -8.88 23.46 -11.39
C ILE A 45 -7.65 24.07 -10.73
N GLY A 46 -6.72 24.64 -11.49
CA GLY A 46 -5.71 25.56 -11.01
C GLY A 46 -4.28 25.08 -11.01
N ALA A 47 -4.00 23.87 -11.50
CA ALA A 47 -2.62 23.43 -11.53
C ALA A 47 -1.82 24.19 -12.56
N SER A 48 -0.52 24.29 -12.35
CA SER A 48 0.40 24.83 -13.31
C SER A 48 1.05 23.68 -14.07
N HIS A 49 0.81 23.53 -15.38
CA HIS A 49 1.31 22.40 -16.15
C HIS A 49 2.73 22.70 -16.61
N ALA A 50 3.69 21.97 -16.09
CA ALA A 50 5.09 22.14 -16.46
C ALA A 50 5.34 21.61 -17.87
N PRO A 51 6.05 22.39 -18.73
CA PRO A 51 6.33 21.94 -20.09
C PRO A 51 7.42 20.91 -20.20
N THR A 52 8.20 20.75 -19.12
CA THR A 52 9.33 19.83 -19.07
C THR A 52 9.54 19.31 -17.67
N ILE A 53 10.30 18.23 -17.54
CA ILE A 53 10.73 17.74 -16.23
C ILE A 53 11.51 18.81 -15.48
N ASP A 54 12.48 19.46 -16.19
CA ASP A 54 13.31 20.45 -15.55
CA ASP A 54 13.30 20.50 -15.59
C ASP A 54 12.44 21.60 -15.00
N SER A 55 11.41 22.04 -15.73
CA SER A 55 10.54 23.11 -15.33
C SER A 55 9.77 22.70 -14.05
N ALA A 56 9.27 21.47 -14.04
CA ALA A 56 8.54 21.02 -12.85
C ALA A 56 9.45 20.96 -11.62
N ALA A 57 10.68 20.52 -11.80
CA ALA A 57 11.63 20.48 -10.69
C ALA A 57 11.98 21.88 -10.21
N ALA A 58 12.14 22.82 -11.13
CA ALA A 58 12.53 24.15 -10.77
C ALA A 58 11.45 24.90 -10.00
N ALA A 59 10.17 24.53 -10.19
CA ALA A 59 9.02 25.27 -9.66
C ALA A 59 8.84 25.17 -8.14
N SER A 60 9.38 24.12 -7.52
CA SER A 60 9.11 23.81 -6.13
C SER A 60 10.37 23.26 -5.47
N SER A 61 10.40 23.25 -4.14
CA SER A 61 11.45 22.55 -3.39
CA SER A 61 11.45 22.55 -3.40
C SER A 61 11.00 21.15 -2.99
N LEU A 62 9.68 20.91 -2.94
CA LEU A 62 9.13 19.60 -2.58
C LEU A 62 8.59 18.98 -3.88
N LEU A 63 9.19 17.85 -4.25
CA LEU A 63 8.94 17.19 -5.53
C LEU A 63 8.39 15.82 -5.24
N ILE A 64 7.11 15.58 -5.52
CA ILE A 64 6.48 14.29 -5.24
C ILE A 64 6.41 13.48 -6.50
N ILE A 65 6.86 12.24 -6.48
CA ILE A 65 6.88 11.39 -7.65
C ILE A 65 5.94 10.24 -7.35
N CYS A 66 4.86 10.08 -8.14
CA CYS A 66 3.87 9.02 -7.96
C CYS A 66 3.53 8.49 -9.34
N GLN A 67 4.41 7.64 -9.86
CA GLN A 67 4.33 7.13 -11.21
C GLN A 67 3.89 5.67 -11.14
N LEU A 68 4.70 4.72 -11.58
CA LEU A 68 4.25 3.32 -11.61
C LEU A 68 5.13 2.44 -10.74
N ASP A 69 6.41 2.28 -11.15
CA ASP A 69 7.41 1.48 -10.43
C ASP A 69 8.74 2.23 -10.40
N LYS A 70 9.68 1.66 -9.68
CA LYS A 70 11.00 2.27 -9.52
C LYS A 70 11.66 2.49 -10.90
N ALA A 71 11.54 1.55 -11.81
CA ALA A 71 12.11 1.80 -13.13
C ALA A 71 11.58 3.10 -13.71
N SER A 72 10.27 3.35 -13.55
CA SER A 72 9.72 4.59 -14.07
C SER A 72 10.29 5.80 -13.36
N VAL A 73 10.50 5.75 -12.05
CA VAL A 73 11.06 6.85 -11.31
C VAL A 73 12.45 7.17 -11.84
N MET A 74 13.28 6.14 -12.00
CA MET A 74 14.65 6.36 -12.45
C MET A 74 14.61 6.97 -13.85
N GLN A 75 13.67 6.62 -14.72
CA GLN A 75 13.59 7.17 -16.07
C GLN A 75 13.35 8.67 -15.93
N THR A 76 12.40 9.09 -15.09
CA THR A 76 12.15 10.50 -14.92
C THR A 76 13.36 11.24 -14.35
N LEU A 77 13.96 10.73 -13.30
CA LEU A 77 15.13 11.38 -12.70
C LEU A 77 16.27 11.54 -13.73
N GLN A 78 16.49 10.51 -14.51
CA GLN A 78 17.65 10.50 -15.41
C GLN A 78 17.40 11.37 -16.63
N GLN A 79 16.15 11.81 -16.91
CA GLN A 79 15.94 12.70 -18.06
CA GLN A 79 15.91 12.69 -18.05
C GLN A 79 16.48 14.09 -17.81
N ALA A 80 16.69 14.45 -16.55
CA ALA A 80 17.11 15.79 -16.17
C ALA A 80 17.99 15.67 -14.94
N PRO A 81 19.19 15.09 -15.08
CA PRO A 81 19.96 14.70 -13.91
C PRO A 81 20.42 15.82 -12.99
N THR A 82 20.54 17.03 -13.50
CA THR A 82 20.94 18.15 -12.69
C THR A 82 19.78 18.90 -12.06
N ALA A 83 18.51 18.50 -12.32
CA ALA A 83 17.36 19.28 -11.88
C ALA A 83 17.03 19.10 -10.41
N TRP A 84 17.57 18.08 -9.77
CA TRP A 84 17.12 17.64 -8.46
C TRP A 84 17.98 18.23 -7.34
N ALA A 85 19.09 18.91 -7.66
CA ALA A 85 20.00 19.32 -6.60
C ALA A 85 19.30 20.28 -5.65
N ALA A 86 19.52 20.03 -4.35
CA ALA A 86 19.01 20.86 -3.27
C ALA A 86 17.47 20.91 -3.23
N LYS A 87 16.85 19.85 -3.78
CA LYS A 87 15.42 19.68 -3.69
C LYS A 87 15.13 18.49 -2.79
N THR A 88 13.88 18.44 -2.23
CA THR A 88 13.43 17.25 -1.50
C THR A 88 12.51 16.45 -2.40
N ILE A 89 12.96 15.25 -2.74
CA ILE A 89 12.17 14.26 -3.48
C ILE A 89 11.41 13.44 -2.44
N VAL A 90 10.08 13.34 -2.62
CA VAL A 90 9.22 12.44 -1.83
C VAL A 90 8.68 11.46 -2.85
N ASP A 91 9.21 10.28 -2.84
CA ASP A 91 8.88 9.26 -3.82
C ASP A 91 7.82 8.34 -3.24
N LEU A 92 6.60 8.43 -3.77
CA LEU A 92 5.44 7.64 -3.34
C LEU A 92 5.13 6.55 -4.35
N THR A 93 6.10 6.13 -5.15
CA THR A 93 5.89 5.13 -6.17
C THR A 93 6.20 3.75 -5.63
N ASN A 94 5.24 2.84 -5.73
CA ASN A 94 5.34 1.48 -5.19
C ASN A 94 6.66 0.83 -5.57
N GLY A 95 7.28 0.19 -4.57
CA GLY A 95 8.48 -0.60 -4.85
C GLY A 95 8.91 -1.39 -3.63
N THR A 96 9.95 -2.20 -3.86
CA THR A 96 10.56 -2.96 -2.77
C THR A 96 11.43 -2.08 -1.91
N PRO A 97 11.82 -2.52 -0.70
CA PRO A 97 12.84 -1.86 0.09
C PRO A 97 14.11 -1.60 -0.72
N ALA A 98 14.55 -2.60 -1.47
CA ALA A 98 15.74 -2.39 -2.30
C ALA A 98 15.55 -1.29 -3.31
N HIS A 99 14.37 -1.23 -3.94
CA HIS A 99 14.13 -0.12 -4.86
C HIS A 99 14.27 1.25 -4.23
N ALA A 100 13.78 1.43 -3.02
CA ALA A 100 13.91 2.70 -2.33
C ALA A 100 15.38 3.02 -2.07
N ARG A 101 16.13 2.01 -1.62
CA ARG A 101 17.55 2.25 -1.33
C ARG A 101 18.28 2.60 -2.62
N GLU A 102 18.00 1.95 -3.72
CA GLU A 102 18.63 2.22 -5.00
C GLU A 102 18.32 3.66 -5.44
N THR A 103 17.04 4.06 -5.40
CA THR A 103 16.65 5.39 -5.82
C THR A 103 17.29 6.43 -4.91
N ALA A 104 17.32 6.19 -3.60
CA ALA A 104 17.94 7.11 -2.67
C ALA A 104 19.43 7.30 -3.01
N ASP A 105 20.11 6.23 -3.32
CA ASP A 105 21.56 6.32 -3.63
C ASP A 105 21.73 7.26 -4.82
N TRP A 106 20.89 7.11 -5.82
CA TRP A 106 20.97 7.97 -7.01
C TRP A 106 20.70 9.41 -6.64
N ALA A 107 19.62 9.67 -5.91
CA ALA A 107 19.27 11.01 -5.48
C ALA A 107 20.41 11.68 -4.73
N LEU A 108 20.99 11.01 -3.74
CA LEU A 108 22.07 11.59 -2.95
C LEU A 108 23.27 11.91 -3.84
N ALA A 109 23.53 11.10 -4.85
CA ALA A 109 24.69 11.32 -5.71
C ALA A 109 24.44 12.49 -6.66
N HIS A 110 23.19 12.88 -6.83
CA HIS A 110 22.81 14.02 -7.64
C HIS A 110 22.37 15.21 -6.83
N GLY A 111 22.74 15.23 -5.55
CA GLY A 111 22.54 16.43 -4.75
C GLY A 111 21.16 16.68 -4.14
N ALA A 112 20.29 15.66 -4.27
CA ALA A 112 18.93 15.79 -3.74
C ALA A 112 18.79 15.09 -2.39
N ARG A 113 17.80 15.57 -1.63
CA ARG A 113 17.30 14.92 -0.44
C ARG A 113 16.16 13.99 -0.90
N TYR A 114 16.00 12.90 -0.17
CA TYR A 114 15.08 11.86 -0.58
C TYR A 114 14.45 11.16 0.61
N ILE A 115 13.13 11.03 0.55
CA ILE A 115 12.42 10.08 1.38
CA ILE A 115 12.28 10.22 1.41
C ILE A 115 11.46 9.30 0.52
N HIS A 116 11.17 8.10 0.99
CA HIS A 116 10.24 7.21 0.32
C HIS A 116 8.99 7.10 1.17
N GLY A 117 7.84 7.02 0.50
CA GLY A 117 6.61 6.77 1.20
C GLY A 117 5.71 5.77 0.51
N GLY A 118 4.84 5.15 1.31
CA GLY A 118 3.87 4.18 0.82
C GLY A 118 2.47 4.65 1.18
N ILE A 119 1.67 4.85 0.14
CA ILE A 119 0.34 5.45 0.29
C ILE A 119 -0.66 4.36 0.68
N MET A 120 -1.18 4.45 1.91
CA MET A 120 -2.16 3.47 2.36
C MET A 120 -3.54 4.12 2.24
N ALA A 121 -3.95 4.16 0.98
CA ALA A 121 -5.19 4.83 0.59
C ALA A 121 -5.46 4.48 -0.84
N VAL A 122 -6.74 4.43 -1.26
CA VAL A 122 -7.09 4.55 -2.67
C VAL A 122 -7.35 6.04 -2.98
N PRO A 123 -7.38 6.46 -4.27
CA PRO A 123 -7.40 7.91 -4.54
C PRO A 123 -8.51 8.69 -3.86
N PHE A 124 -9.72 8.12 -3.77
CA PHE A 124 -10.79 8.89 -3.16
C PHE A 124 -10.62 9.10 -1.66
N MET A 125 -9.72 8.32 -0.99
CA MET A 125 -9.44 8.49 0.42
C MET A 125 -8.46 9.63 0.70
N ILE A 126 -7.68 10.08 -0.30
CA ILE A 126 -6.70 11.12 -0.05
C ILE A 126 -7.38 12.37 0.50
N GLY A 127 -6.82 12.92 1.58
CA GLY A 127 -7.38 14.09 2.23
C GLY A 127 -8.47 13.72 3.24
N GLN A 128 -8.84 12.44 3.38
CA GLN A 128 -9.92 11.99 4.25
C GLN A 128 -9.32 11.42 5.50
N PRO A 129 -10.10 11.30 6.60
CA PRO A 129 -9.50 10.86 7.86
C PRO A 129 -8.86 9.48 7.89
N ASP A 130 -9.29 8.58 7.01
CA ASP A 130 -8.77 7.22 7.08
CA ASP A 130 -8.83 7.19 7.00
C ASP A 130 -7.48 7.06 6.28
N ALA A 131 -7.07 8.07 5.51
CA ALA A 131 -5.86 7.91 4.69
C ALA A 131 -4.63 7.98 5.59
N MET A 132 -3.62 7.21 5.20
CA MET A 132 -2.36 7.23 5.94
C MET A 132 -1.25 6.97 4.92
N ILE A 133 -0.13 7.65 5.12
CA ILE A 133 1.05 7.46 4.29
C ILE A 133 2.24 7.17 5.19
N LEU A 134 2.93 6.05 4.91
CA LEU A 134 4.13 5.63 5.59
C LEU A 134 5.32 6.35 4.98
N TYR A 135 6.26 6.82 5.82
CA TYR A 135 7.45 7.51 5.32
C TYR A 135 8.71 6.99 6.02
N SER A 136 9.81 6.94 5.24
CA SER A 136 11.10 6.60 5.80
C SER A 136 12.19 7.30 5.03
N GLY A 137 13.34 7.39 5.73
CA GLY A 137 14.52 8.12 5.26
C GLY A 137 14.96 9.10 6.32
N PRO A 138 15.88 10.04 6.00
CA PRO A 138 16.45 10.86 7.05
C PRO A 138 15.41 11.68 7.76
N ALA A 139 15.39 11.62 9.09
CA ALA A 139 14.41 12.30 9.85
C ALA A 139 14.39 13.80 9.61
N GLU A 140 15.57 14.40 9.42
CA GLU A 140 15.57 15.85 9.24
C GLU A 140 14.92 16.24 7.91
N VAL A 141 15.09 15.39 6.92
CA VAL A 141 14.43 15.62 5.63
C VAL A 141 12.90 15.55 5.75
N PHE A 142 12.41 14.47 6.41
CA PHE A 142 11.00 14.33 6.63
C PHE A 142 10.46 15.47 7.46
N GLU A 143 11.18 15.90 8.51
CA GLU A 143 10.62 16.96 9.32
C GLU A 143 10.45 18.27 8.53
N GLY A 144 11.27 18.50 7.52
CA GLY A 144 11.23 19.70 6.68
C GLY A 144 9.98 19.77 5.80
N VAL A 145 9.34 18.62 5.55
CA VAL A 145 8.22 18.58 4.60
C VAL A 145 6.97 17.97 5.23
N LYS A 146 7.01 17.54 6.50
CA LYS A 146 5.91 16.76 7.03
C LYS A 146 4.62 17.57 7.11
N ASP A 147 4.68 18.91 7.39
CA ASP A 147 3.46 19.67 7.55
C ASP A 147 2.78 19.83 6.18
N THR A 148 3.53 20.01 5.10
CA THR A 148 2.92 20.04 3.78
C THR A 148 2.30 18.69 3.44
N LEU A 149 3.05 17.61 3.68
CA LEU A 149 2.58 16.27 3.34
C LEU A 149 1.36 15.86 4.12
N SER A 150 1.16 16.41 5.34
CA SER A 150 0.04 16.05 6.17
C SER A 150 -1.34 16.36 5.57
N VAL A 151 -1.40 17.18 4.51
CA VAL A 151 -2.71 17.42 3.92
C VAL A 151 -3.23 16.20 3.18
N LEU A 152 -2.34 15.20 2.89
CA LEU A 152 -2.73 14.06 2.11
C LEU A 152 -3.38 12.98 2.97
N GLY A 153 -2.95 12.89 4.20
CA GLY A 153 -3.32 11.81 5.11
C GLY A 153 -2.49 11.90 6.37
N THR A 154 -2.74 10.95 7.27
CA THR A 154 -1.93 10.84 8.48
C THR A 154 -0.53 10.42 8.10
N ASN A 155 0.48 11.13 8.57
CA ASN A 155 1.85 10.75 8.33
C ASN A 155 2.32 9.73 9.38
N THR A 156 2.87 8.61 8.90
CA THR A 156 3.44 7.58 9.75
C THR A 156 4.90 7.42 9.36
N TYR A 157 5.80 8.12 10.08
CA TYR A 157 7.23 8.02 9.88
C TYR A 157 7.74 6.81 10.64
N VAL A 158 8.30 5.86 9.94
CA VAL A 158 8.70 4.59 10.55
C VAL A 158 10.19 4.53 10.90
N GLY A 159 11.01 5.42 10.36
CA GLY A 159 12.41 5.40 10.73
C GLY A 159 13.33 5.86 9.63
N GLU A 160 14.64 5.80 9.93
CA GLU A 160 15.68 6.36 9.06
C GLU A 160 16.01 5.53 7.84
N ASP A 161 15.87 4.20 7.91
CA ASP A 161 16.18 3.32 6.81
C ASP A 161 15.21 3.57 5.64
N VAL A 162 15.70 4.03 4.49
CA VAL A 162 14.85 4.54 3.45
C VAL A 162 13.99 3.43 2.84
N GLY A 163 14.34 2.15 2.99
CA GLY A 163 13.54 1.02 2.56
C GLY A 163 12.46 0.61 3.54
N LEU A 164 12.40 1.19 4.72
CA LEU A 164 11.50 0.63 5.74
C LEU A 164 10.00 0.92 5.43
N ALA A 165 9.65 2.11 4.95
CA ALA A 165 8.26 2.42 4.62
C ALA A 165 7.78 1.41 3.61
N SER A 166 8.57 1.02 2.60
CA SER A 166 8.19 0.08 1.59
C SER A 166 7.96 -1.31 2.19
N LEU A 167 8.75 -1.73 3.20
CA LEU A 167 8.48 -3.02 3.81
CA LEU A 167 8.49 -3.01 3.84
C LEU A 167 7.11 -2.98 4.51
N HIS A 168 6.82 -1.95 5.24
CA HIS A 168 5.53 -1.81 5.92
C HIS A 168 4.41 -1.80 4.89
N ASP A 169 4.59 -1.02 3.82
CA ASP A 169 3.59 -0.89 2.75
C ASP A 169 3.27 -2.27 2.18
N LEU A 170 4.31 -2.98 1.68
CA LEU A 170 4.06 -4.23 1.02
C LEU A 170 3.47 -5.27 1.99
N ALA A 171 3.85 -5.23 3.27
CA ALA A 171 3.23 -6.09 4.26
C ALA A 171 1.74 -5.78 4.35
N LEU A 172 1.39 -4.50 4.45
CA LEU A 172 -0.03 -4.12 4.56
C LEU A 172 -0.77 -4.53 3.30
N LEU A 173 -0.17 -4.32 2.12
CA LEU A 173 -0.81 -4.74 0.87
C LEU A 173 -0.99 -6.25 0.84
N SER A 174 -0.03 -7.01 1.32
CA SER A 174 -0.15 -8.48 1.42
CA SER A 174 -0.18 -8.47 1.36
C SER A 174 -1.39 -8.83 2.24
N GLY A 175 -1.56 -8.16 3.34
CA GLY A 175 -2.70 -8.37 4.21
C GLY A 175 -4.00 -8.11 3.45
N MET A 176 -4.05 -6.98 2.76
CA MET A 176 -5.21 -6.59 1.96
C MET A 176 -5.47 -7.64 0.88
N TYR A 177 -4.44 -8.15 0.18
CA TYR A 177 -4.68 -9.11 -0.88
C TYR A 177 -5.27 -10.40 -0.32
N GLY A 178 -4.91 -10.79 0.90
CA GLY A 178 -5.57 -11.93 1.51
C GLY A 178 -7.03 -11.60 1.75
N LEU A 179 -7.32 -10.46 2.37
CA LEU A 179 -8.70 -10.02 2.56
C LEU A 179 -9.48 -10.12 1.24
N PHE A 180 -8.91 -9.56 0.15
CA PHE A 180 -9.60 -9.57 -1.11
C PHE A 180 -9.74 -10.97 -1.69
N SER A 181 -8.82 -11.86 -1.45
CA SER A 181 -8.96 -13.27 -1.81
C SER A 181 -10.19 -13.86 -1.13
N GLY A 182 -10.33 -13.58 0.16
CA GLY A 182 -11.49 -14.03 0.94
C GLY A 182 -12.80 -13.47 0.41
N PHE A 183 -12.85 -12.16 0.15
CA PHE A 183 -13.99 -11.51 -0.44
C PHE A 183 -14.37 -12.21 -1.73
N THR A 184 -13.39 -12.43 -2.61
CA THR A 184 -13.70 -12.96 -3.91
C THR A 184 -14.34 -14.33 -3.77
N HIS A 185 -13.75 -15.19 -2.95
CA HIS A 185 -14.26 -16.55 -2.79
C HIS A 185 -15.66 -16.51 -2.17
N ALA A 186 -15.83 -15.73 -1.10
CA ALA A 186 -17.11 -15.70 -0.38
C ALA A 186 -18.21 -15.23 -1.31
N VAL A 187 -17.95 -14.16 -2.08
CA VAL A 187 -18.97 -13.58 -2.94
C VAL A 187 -19.24 -14.50 -4.12
N ALA A 188 -18.23 -15.16 -4.69
CA ALA A 188 -18.51 -16.16 -5.73
C ALA A 188 -19.44 -17.25 -5.19
N LEU A 189 -19.21 -17.72 -3.96
CA LEU A 189 -20.08 -18.77 -3.43
C LEU A 189 -21.51 -18.26 -3.30
N VAL A 190 -21.76 -17.08 -2.76
CA VAL A 190 -23.14 -16.67 -2.58
C VAL A 190 -23.75 -16.35 -3.93
N GLN A 191 -22.98 -15.78 -4.87
CA GLN A 191 -23.53 -15.44 -6.17
C GLN A 191 -23.88 -16.71 -6.93
N SER A 192 -23.21 -17.81 -6.66
CA SER A 192 -23.50 -19.09 -7.33
C SER A 192 -24.92 -19.53 -6.98
N ALA A 193 -25.46 -19.08 -5.84
CA ALA A 193 -26.82 -19.37 -5.42
C ALA A 193 -27.76 -18.17 -5.56
N ASN A 194 -27.41 -17.17 -6.38
CA ASN A 194 -28.21 -16.00 -6.68
C ASN A 194 -28.51 -15.18 -5.46
N ILE A 195 -27.57 -15.13 -4.50
CA ILE A 195 -27.74 -14.29 -3.33
C ILE A 195 -27.18 -12.89 -3.63
N PRO A 196 -27.88 -11.80 -3.33
CA PRO A 196 -27.43 -10.41 -3.53
C PRO A 196 -26.04 -10.23 -2.94
N ALA A 197 -25.08 -9.76 -3.76
CA ALA A 197 -23.71 -9.63 -3.26
C ALA A 197 -23.60 -8.49 -2.27
N ALA A 198 -24.02 -7.28 -2.61
CA ALA A 198 -23.92 -6.15 -1.71
C ALA A 198 -24.68 -6.41 -0.41
N GLY A 199 -25.89 -6.99 -0.52
CA GLY A 199 -26.63 -7.26 0.70
C GLY A 199 -25.93 -8.27 1.60
N PHE A 200 -25.42 -9.35 1.04
CA PHE A 200 -24.64 -10.31 1.82
C PHE A 200 -23.39 -9.66 2.45
N VAL A 201 -22.67 -8.89 1.65
CA VAL A 201 -21.41 -8.35 2.13
C VAL A 201 -21.65 -7.33 3.23
N ALA A 202 -22.61 -6.46 3.08
CA ALA A 202 -22.88 -5.47 4.11
C ALA A 202 -23.42 -6.15 5.38
N THR A 203 -24.31 -7.14 5.25
CA THR A 203 -25.04 -7.64 6.38
C THR A 203 -24.25 -8.74 7.12
N GLN A 204 -23.62 -9.65 6.37
CA GLN A 204 -22.98 -10.86 6.92
CA GLN A 204 -22.95 -10.80 7.00
C GLN A 204 -21.45 -10.75 6.88
N LEU A 205 -20.90 -10.52 5.68
CA LEU A 205 -19.43 -10.65 5.56
C LEU A 205 -18.71 -9.58 6.35
N ILE A 206 -19.08 -8.33 6.21
CA ILE A 206 -18.32 -7.26 6.86
C ILE A 206 -18.37 -7.46 8.38
N PRO A 207 -19.51 -7.71 9.05
CA PRO A 207 -19.46 -7.90 10.50
C PRO A 207 -18.60 -9.08 10.92
N TRP A 208 -18.59 -10.16 10.14
CA TRP A 208 -17.80 -11.31 10.49
C TRP A 208 -16.30 -10.99 10.37
N LEU A 209 -15.94 -10.38 9.24
CA LEU A 209 -14.55 -9.97 9.05
C LEU A 209 -14.17 -8.96 10.13
N THR A 210 -15.05 -8.08 10.58
CA THR A 210 -14.70 -7.16 11.68
C THR A 210 -14.32 -7.94 12.93
N ALA A 211 -15.09 -8.98 13.28
CA ALA A 211 -14.77 -9.76 14.47
C ALA A 211 -13.47 -10.52 14.32
N MET A 212 -13.24 -11.12 13.17
CA MET A 212 -12.07 -11.91 12.94
C MET A 212 -10.83 -11.01 12.76
N THR A 213 -11.04 -9.75 12.42
CA THR A 213 -9.93 -8.80 12.36
C THR A 213 -9.47 -8.47 13.78
N GLN A 214 -10.39 -8.30 14.72
CA GLN A 214 -10.00 -8.08 16.10
C GLN A 214 -9.26 -9.29 16.62
N HIS A 215 -9.62 -10.50 16.18
CA HIS A 215 -8.99 -11.75 16.58
C HIS A 215 -7.52 -11.76 16.23
N LEU A 216 -7.11 -10.98 15.23
CA LEU A 216 -5.72 -10.95 14.78
C LEU A 216 -4.82 -10.45 15.90
N ASN A 217 -5.29 -9.65 16.83
CA ASN A 217 -4.49 -9.25 17.98
C ASN A 217 -4.03 -10.46 18.78
N LEU A 218 -4.95 -11.38 19.04
CA LEU A 218 -4.57 -12.57 19.81
C LEU A 218 -3.54 -13.36 19.03
N LEU A 219 -3.78 -13.60 17.73
CA LEU A 219 -2.85 -14.34 16.91
C LEU A 219 -1.48 -13.67 16.94
N ALA A 220 -1.45 -12.35 16.83
CA ALA A 220 -0.16 -11.66 16.79
C ALA A 220 0.59 -11.78 18.10
N THR A 221 -0.09 -11.72 19.22
CA THR A 221 0.58 -11.97 20.49
C THR A 221 1.19 -13.35 20.51
N GLN A 222 0.47 -14.36 20.00
CA GLN A 222 0.98 -15.72 19.97
C GLN A 222 2.19 -15.83 19.08
N VAL A 223 2.22 -15.10 17.97
CA VAL A 223 3.38 -15.08 17.09
C VAL A 223 4.59 -14.52 17.87
N ASP A 224 4.42 -13.41 18.55
CA ASP A 224 5.52 -12.80 19.32
C ASP A 224 6.03 -13.80 20.39
N GLU A 225 5.12 -14.48 21.07
CA GLU A 225 5.44 -15.44 22.15
C GLU A 225 5.99 -16.75 21.58
N LYS A 226 5.83 -17.03 20.29
CA LYS A 226 6.19 -18.32 19.70
C LYS A 226 5.48 -19.41 20.49
N ASP A 227 4.23 -19.18 20.85
CA ASP A 227 3.43 -20.11 21.60
C ASP A 227 2.03 -20.12 20.94
N TYR A 228 1.79 -21.19 20.17
CA TYR A 228 0.70 -21.19 19.19
C TYR A 228 -0.51 -21.90 19.79
N GLY A 229 -1.05 -21.31 20.86
CA GLY A 229 -2.24 -21.87 21.48
C GLY A 229 -3.39 -21.98 20.49
N ASP A 230 -4.26 -22.98 20.73
CA ASP A 230 -5.37 -23.14 19.81
C ASP A 230 -6.38 -21.99 19.89
N GLY A 231 -6.46 -21.24 21.00
CA GLY A 231 -7.43 -20.19 21.15
C GLY A 231 -8.87 -20.69 21.11
N GLY A 232 -9.04 -21.99 21.34
CA GLY A 232 -10.34 -22.61 21.19
C GLY A 232 -10.62 -23.14 19.79
N SER A 233 -9.71 -23.02 18.85
CA SER A 233 -9.95 -23.39 17.46
C SER A 233 -8.75 -24.15 16.91
N SER A 234 -8.60 -25.44 17.20
CA SER A 234 -7.37 -26.13 16.83
C SER A 234 -7.25 -26.33 15.33
N LEU A 235 -6.01 -26.50 14.88
CA LEU A 235 -5.76 -26.82 13.50
C LEU A 235 -6.33 -28.18 13.11
N ASP A 236 -6.33 -29.14 14.06
CA ASP A 236 -6.97 -30.43 13.80
C ASP A 236 -8.42 -30.20 13.41
N MET A 237 -9.15 -29.39 14.16
CA MET A 237 -10.55 -29.14 13.86
C MET A 237 -10.68 -28.42 12.53
N GLN A 238 -9.86 -27.41 12.29
CA GLN A 238 -9.98 -26.66 11.04
C GLN A 238 -9.66 -27.54 9.83
N ALA A 239 -8.76 -28.49 9.96
CA ALA A 239 -8.44 -29.37 8.85
C ALA A 239 -9.61 -30.29 8.51
N LYS A 240 -10.58 -30.45 9.40
CA LYS A 240 -11.80 -31.21 9.06
C LYS A 240 -12.91 -30.35 8.51
N ALA A 241 -12.86 -29.04 8.68
CA ALA A 241 -13.80 -28.10 8.08
C ALA A 241 -13.34 -27.75 6.65
N ALA A 242 -12.04 -27.56 6.46
CA ALA A 242 -11.53 -27.17 5.15
C ALA A 242 -12.07 -28.06 4.02
N PRO A 243 -12.11 -29.41 4.14
CA PRO A 243 -12.68 -30.20 3.07
C PRO A 243 -14.12 -29.89 2.74
N ASN A 244 -14.88 -29.41 3.70
CA ASN A 244 -16.25 -29.02 3.48
C ASN A 244 -16.33 -27.73 2.67
N ILE A 245 -15.48 -26.75 2.98
CA ILE A 245 -15.45 -25.54 2.22
C ILE A 245 -15.05 -25.86 0.78
N LEU A 246 -14.05 -26.71 0.61
CA LEU A 246 -13.61 -27.08 -0.75
C LEU A 246 -14.73 -27.81 -1.49
N GLU A 247 -15.35 -28.80 -0.85
CA GLU A 247 -16.36 -29.64 -1.55
C GLU A 247 -17.60 -28.83 -1.88
N ALA A 248 -18.07 -27.95 -0.98
CA ALA A 248 -19.21 -27.08 -1.23
C ALA A 248 -18.88 -26.16 -2.41
N SER A 249 -17.64 -25.63 -2.45
CA SER A 249 -17.26 -24.76 -3.55
C SER A 249 -17.31 -25.50 -4.88
N GLN A 250 -16.76 -26.70 -4.90
CA GLN A 250 -16.78 -27.54 -6.11
C GLN A 250 -18.21 -27.78 -6.54
N ALA A 251 -19.13 -28.06 -5.59
CA ALA A 251 -20.51 -28.31 -5.91
C ALA A 251 -21.19 -27.11 -6.56
N GLN A 252 -20.76 -25.89 -6.22
CA GLN A 252 -21.32 -24.65 -6.74
C GLN A 252 -20.59 -24.18 -8.00
N GLY A 253 -19.55 -24.89 -8.42
CA GLY A 253 -18.84 -24.52 -9.62
C GLY A 253 -17.81 -23.42 -9.40
N VAL A 254 -17.37 -23.25 -8.17
CA VAL A 254 -16.45 -22.19 -7.79
C VAL A 254 -15.07 -22.78 -7.63
N SER A 255 -14.07 -22.26 -8.37
CA SER A 255 -12.70 -22.60 -8.20
C SER A 255 -12.22 -22.34 -6.76
N VAL A 256 -11.36 -23.21 -6.26
CA VAL A 256 -10.84 -23.09 -4.91
C VAL A 256 -9.42 -22.52 -4.91
N GLU A 257 -8.96 -21.96 -6.05
CA GLU A 257 -7.59 -21.53 -6.14
C GLU A 257 -7.18 -20.48 -5.09
N LEU A 258 -8.11 -19.61 -4.66
CA LEU A 258 -7.65 -18.54 -3.76
C LEU A 258 -7.52 -18.98 -2.32
N ILE A 259 -8.14 -20.09 -1.94
CA ILE A 259 -8.18 -20.51 -0.54
C ILE A 259 -7.44 -21.81 -0.28
N GLN A 260 -7.14 -22.61 -1.30
CA GLN A 260 -6.47 -23.87 -1.12
C GLN A 260 -5.13 -23.67 -0.42
N PRO A 261 -4.29 -22.62 -0.67
CA PRO A 261 -2.99 -22.60 -0.02
C PRO A 261 -3.00 -22.62 1.50
N ILE A 262 -3.91 -21.87 2.13
CA ILE A 262 -3.87 -21.89 3.57
C ILE A 262 -4.34 -23.25 4.08
N PHE A 263 -5.24 -23.90 3.37
CA PHE A 263 -5.66 -25.22 3.82
C PHE A 263 -4.50 -26.22 3.68
N LYS A 264 -3.68 -26.11 2.63
CA LYS A 264 -2.52 -26.98 2.52
C LYS A 264 -1.54 -26.72 3.66
N LEU A 265 -1.35 -25.45 4.08
CA LEU A 265 -0.46 -25.19 5.21
C LEU A 265 -1.01 -25.79 6.50
N ILE A 266 -2.32 -25.64 6.74
CA ILE A 266 -2.95 -26.19 7.92
C ILE A 266 -2.76 -27.70 7.93
N GLU A 267 -3.04 -28.34 6.80
CA GLU A 267 -2.85 -29.80 6.68
C GLU A 267 -1.42 -30.18 6.98
N ARG A 268 -0.44 -29.42 6.49
CA ARG A 268 0.97 -29.71 6.73
C ARG A 268 1.28 -29.64 8.21
N ARG A 269 0.70 -28.67 8.94
CA ARG A 269 1.01 -28.53 10.34
C ARG A 269 0.41 -29.73 11.13
N VAL A 270 -0.77 -30.17 10.74
CA VAL A 270 -1.38 -31.38 11.30
C VAL A 270 -0.49 -32.60 11.01
N GLU A 271 0.02 -32.70 9.79
CA GLU A 271 0.88 -33.82 9.40
C GLU A 271 2.20 -33.78 10.16
N GLU A 272 2.70 -32.62 10.59
CA GLU A 272 3.91 -32.44 11.39
C GLU A 272 3.68 -32.90 12.84
N GLY A 273 2.43 -33.23 13.22
CA GLY A 273 2.08 -33.59 14.58
C GLY A 273 1.68 -32.44 15.50
N LYS A 274 1.38 -31.27 14.90
CA LYS A 274 1.09 -30.06 15.64
C LYS A 274 -0.33 -29.57 15.43
N GLY A 275 -1.23 -30.52 15.22
CA GLY A 275 -2.65 -30.19 15.05
C GLY A 275 -3.28 -29.57 16.28
N SER A 276 -2.70 -29.74 17.47
CA SER A 276 -3.23 -29.14 18.65
C SER A 276 -2.97 -27.63 18.74
N GLU A 277 -2.11 -27.10 17.86
CA GLU A 277 -1.83 -25.69 17.85
C GLU A 277 -2.93 -24.94 17.12
N GLY A 278 -2.81 -23.62 17.18
CA GLY A 278 -3.69 -22.70 16.45
C GLY A 278 -3.00 -22.00 15.30
N LEU A 279 -3.72 -21.09 14.66
CA LEU A 279 -3.29 -20.50 13.39
C LEU A 279 -2.03 -19.64 13.49
N ALA A 280 -1.64 -19.16 14.66
CA ALA A 280 -0.45 -18.35 14.76
C ALA A 280 0.79 -19.15 14.34
N ALA A 281 0.71 -20.48 14.34
CA ALA A 281 1.82 -21.32 13.90
C ALA A 281 2.17 -21.09 12.44
N LEU A 282 1.22 -20.63 11.61
CA LEU A 282 1.45 -20.58 10.17
C LEU A 282 2.49 -19.53 9.76
N VAL A 283 2.67 -18.47 10.55
CA VAL A 283 3.67 -17.45 10.22
C VAL A 283 5.07 -18.05 10.04
N GLY A 284 5.48 -18.84 11.04
CA GLY A 284 6.82 -19.36 11.00
C GLY A 284 6.96 -20.37 9.88
N MET A 285 5.86 -21.00 9.45
CA MET A 285 5.89 -22.01 8.41
C MET A 285 6.26 -21.42 7.05
N ILE A 286 5.96 -20.13 6.79
CA ILE A 286 6.25 -19.52 5.50
C ILE A 286 7.56 -18.71 5.57
N MET A 287 8.17 -18.60 6.74
CA MET A 287 9.42 -17.89 6.95
C MET A 287 10.61 -18.83 6.70
N LYS A 288 11.77 -18.22 6.49
CA LYS A 288 12.93 -18.95 5.96
C LYS A 288 13.32 -20.08 6.90
PA NDP B . -2.05 4.84 -12.89
O1A NDP B . -1.96 3.62 -13.78
O2A NDP B . -3.31 5.59 -12.88
O5B NDP B . -0.93 5.88 -13.30
C5B NDP B . 0.43 5.45 -13.54
C4B NDP B . 1.25 6.69 -13.65
O4B NDP B . 2.66 6.31 -13.86
C3B NDP B . 0.90 7.60 -14.84
O3B NDP B . 1.11 8.96 -14.46
C2B NDP B . 1.88 7.13 -15.90
O2B NDP B . 2.13 8.05 -16.93
C1B NDP B . 3.10 6.97 -15.02
N9A NDP B . 4.21 6.26 -15.63
C8A NDP B . 4.24 4.95 -16.02
N7A NDP B . 5.38 4.62 -16.62
C5A NDP B . 6.12 5.78 -16.61
C6A NDP B . 7.39 6.15 -17.10
N6A NDP B . 8.21 5.23 -17.61
N1A NDP B . 7.82 7.41 -16.94
C2A NDP B . 7.04 8.30 -16.32
N3A NDP B . 5.82 8.09 -15.84
C4A NDP B . 5.41 6.83 -16.01
O3 NDP B . -1.61 4.39 -11.43
PN NDP B . -2.05 5.03 -10.05
O1N NDP B . -2.03 6.53 -10.17
O2N NDP B . -3.28 4.35 -9.57
O5D NDP B . -0.86 4.57 -9.09
C5D NDP B . 0.31 5.43 -9.00
C4D NDP B . 1.28 4.84 -7.98
O4D NDP B . 0.64 4.85 -6.69
C3D NDP B . 1.73 3.39 -8.22
O3D NDP B . 3.10 3.21 -7.85
C2D NDP B . 0.78 2.62 -7.34
O2D NDP B . 1.24 1.32 -6.95
C1D NDP B . 0.63 3.52 -6.16
N1N NDP B . -0.62 3.38 -5.40
C2N NDP B . -1.83 3.41 -6.06
C3N NDP B . -2.96 3.19 -5.37
C7N NDP B . -4.32 3.20 -5.97
O7N NDP B . -5.27 2.74 -5.29
N7N NDP B . -4.50 3.72 -7.15
C4N NDP B . -2.91 3.01 -3.98
C5N NDP B . -1.65 3.11 -3.34
C6N NDP B . -0.57 3.36 -4.01
P2B NDP B . 1.31 7.97 -18.33
O1X NDP B . 0.02 8.65 -18.05
O2X NDP B . 1.11 6.52 -18.65
O3X NDP B . 2.19 8.69 -19.21
O1 W65 C . -1.95 -2.27 -5.62
C1 W65 C . -2.08 -1.36 -4.81
C2 W65 C . -3.42 -1.04 -4.22
C3 W65 C . -4.58 -1.62 -4.74
C4 W65 C . -5.81 -1.39 -4.14
C5 W65 C . -5.87 -0.65 -2.98
C6 W65 C . -4.73 -0.12 -2.43
C7 W65 C . -3.50 -0.31 -3.04
C8 W65 C . -0.90 -0.58 -4.44
F1 W65 C . -1.14 0.61 -5.01
F2 W65 C . 0.23 -1.07 -5.00
#